data_5FEA
#
_entry.id   5FEA
#
_cell.length_a   77.176
_cell.length_b   77.176
_cell.length_c   169.496
_cell.angle_alpha   90.000
_cell.angle_beta   90.000
_cell.angle_gamma   120.000
#
_symmetry.space_group_name_H-M   'P 64 2 2'
#
loop_
_entity.id
_entity.type
_entity.pdbx_description
1 polymer 'Uncharacterized protein'
2 non-polymer 'BROMIDE ION'
3 non-polymer Bromosporine
4 water water
#
_entity_poly.entity_id   1
_entity_poly.type   'polypeptide(L)'
_entity_poly.pdbx_seq_one_letter_code
;HPRPLPAGKHAHRQSLETIPEVAELYHCIYKLYNEEESSVWFREPVNALAQEIFTYYDVVKSPMSLRHILDNIVKGDTYS
TALQVMEDVELIWKNCITFNGANSLLATEAGKCRSALDRIRRAYQDDQRITVEEAE
;
_entity_poly.pdbx_strand_id   A,B
#
loop_
_chem_comp.id
_chem_comp.type
_chem_comp.name
_chem_comp.formula
BMF non-polymer Bromosporine 'C17 H20 N6 O4 S'
BR non-polymer 'BROMIDE ION' 'Br -1'
#
# COMPACT_ATOMS: atom_id res chain seq x y z
N HIS A 1 36.26 3.78 -7.68
CA HIS A 1 35.42 5.00 -7.94
C HIS A 1 34.04 4.91 -7.29
N PRO A 2 33.46 6.06 -6.92
CA PRO A 2 32.19 6.04 -6.20
C PRO A 2 30.98 6.08 -7.12
N ARG A 3 30.07 5.11 -6.94
CA ARG A 3 28.78 5.08 -7.62
C ARG A 3 27.85 6.05 -6.90
N PRO A 4 26.81 6.56 -7.58
CA PRO A 4 25.81 7.41 -6.89
C PRO A 4 25.03 6.63 -5.82
N LEU A 5 24.69 7.32 -4.74
CA LEU A 5 24.08 6.70 -3.59
C LEU A 5 22.62 6.34 -3.83
N PRO A 6 22.20 5.16 -3.34
CA PRO A 6 20.80 4.77 -3.50
C PRO A 6 19.89 5.48 -2.51
N ALA A 7 18.60 5.51 -2.83
CA ALA A 7 17.57 5.98 -1.91
C ALA A 7 17.39 4.95 -0.81
N GLY A 8 16.76 5.35 0.28
CA GLY A 8 16.57 4.45 1.41
C GLY A 8 15.68 5.06 2.47
N LYS A 9 15.64 4.45 3.65
CA LYS A 9 14.83 4.96 4.77
C LYS A 9 15.62 6.03 5.54
N HIS A 10 14.90 6.91 6.23
CA HIS A 10 15.49 7.93 7.09
C HIS A 10 16.33 7.34 8.22
N ALA A 11 17.59 7.76 8.32
CA ALA A 11 18.46 7.32 9.43
C ALA A 11 18.09 8.09 10.70
N HIS A 12 17.73 7.34 11.74
CA HIS A 12 17.25 7.91 12.99
C HIS A 12 18.39 8.50 13.79
N ARG A 13 18.17 9.68 14.37
CA ARG A 13 19.13 10.33 15.26
C ARG A 13 18.70 10.17 16.72
N GLN A 14 19.31 9.21 17.40
CA GLN A 14 19.09 8.96 18.83
C GLN A 14 18.98 10.26 19.67
N SER A 15 19.86 11.21 19.39
CA SER A 15 19.87 12.51 20.06
C SER A 15 19.89 13.64 19.04
N LEU A 16 19.15 14.71 19.33
CA LEU A 16 19.12 15.91 18.50
C LEU A 16 19.21 17.14 19.41
N GLU A 17 19.85 18.20 18.92
CA GLU A 17 20.02 19.42 19.70
C GLU A 17 19.11 20.56 19.20
N THR A 18 17.88 20.20 18.86
CA THR A 18 16.81 21.16 18.55
C THR A 18 16.00 21.38 19.84
N ILE A 19 14.88 22.10 19.74
CA ILE A 19 13.97 22.36 20.87
C ILE A 19 13.42 21.02 21.40
N PRO A 20 13.23 20.89 22.74
CA PRO A 20 12.73 19.62 23.31
C PRO A 20 11.37 19.15 22.79
N GLU A 21 10.44 20.08 22.60
CA GLU A 21 9.10 19.73 22.07
C GLU A 21 9.15 19.25 20.62
N VAL A 22 10.08 19.79 19.84
CA VAL A 22 10.30 19.36 18.47
C VAL A 22 11.08 18.04 18.45
N ALA A 23 12.09 17.92 19.31
CA ALA A 23 12.88 16.71 19.41
C ALA A 23 12.05 15.51 19.87
N GLU A 24 11.22 15.72 20.90
CA GLU A 24 10.30 14.67 21.37
C GLU A 24 9.44 14.16 20.23
N LEU A 25 8.82 15.11 19.54
CA LEU A 25 7.92 14.86 18.43
C LEU A 25 8.63 14.12 17.30
N TYR A 26 9.85 14.52 16.99
CA TYR A 26 10.68 13.79 16.04
C TYR A 26 10.79 12.30 16.38
N HIS A 27 11.11 12.00 17.64
CA HIS A 27 11.26 10.60 18.07
C HIS A 27 9.96 9.84 17.92
N CYS A 28 8.87 10.53 18.22
CA CYS A 28 7.52 9.97 18.07
C CYS A 28 7.17 9.72 16.62
N ILE A 29 7.42 10.71 15.77
CA ILE A 29 7.17 10.55 14.32
C ILE A 29 8.04 9.44 13.74
N TYR A 30 9.29 9.31 14.21
CA TYR A 30 10.14 8.25 13.71
C TYR A 30 9.58 6.86 14.03
N LYS A 31 9.11 6.67 15.25
CA LYS A 31 8.46 5.40 15.63
C LYS A 31 7.25 5.08 14.73
N LEU A 32 6.41 6.09 14.48
CA LEU A 32 5.26 5.94 13.57
C LEU A 32 5.71 5.49 12.17
N TYR A 33 6.68 6.21 11.64
CA TYR A 33 7.31 5.92 10.34
C TYR A 33 7.95 4.55 10.27
N ASN A 34 8.56 4.11 11.36
CA ASN A 34 9.32 2.87 11.40
C ASN A 34 8.52 1.63 11.81
N GLU A 35 7.61 1.78 12.79
CA GLU A 35 6.91 0.65 13.40
C GLU A 35 5.44 0.50 13.06
N GLU A 36 4.72 1.60 12.84
CA GLU A 36 3.26 1.53 12.66
C GLU A 36 2.86 1.07 11.25
N GLU A 37 2.12 -0.03 11.15
CA GLU A 37 1.67 -0.57 9.86
C GLU A 37 0.88 0.43 9.00
N SER A 38 0.05 1.22 9.65
CA SER A 38 -0.74 2.25 8.98
C SER A 38 0.05 3.41 8.35
N SER A 39 1.31 3.60 8.74
CA SER A 39 2.14 4.67 8.16
C SER A 39 2.69 4.36 6.76
N VAL A 40 2.61 3.10 6.31
CA VAL A 40 3.22 2.65 5.03
C VAL A 40 2.95 3.62 3.90
N TRP A 41 1.73 4.14 3.86
CA TRP A 41 1.27 4.95 2.75
C TRP A 41 1.89 6.33 2.73
N PHE A 42 2.45 6.76 3.87
CA PHE A 42 2.82 8.14 4.08
C PHE A 42 4.28 8.34 4.43
N ARG A 43 5.05 7.26 4.35
CA ARG A 43 6.45 7.26 4.78
C ARG A 43 7.31 8.09 3.87
N GLU A 44 7.28 7.76 2.60
CA GLU A 44 8.17 8.34 1.63
C GLU A 44 7.43 9.29 0.66
N PRO A 45 8.17 10.12 -0.06
CA PRO A 45 7.54 10.90 -1.12
C PRO A 45 6.92 10.01 -2.20
N VAL A 46 5.85 10.48 -2.82
CA VAL A 46 5.10 9.65 -3.78
C VAL A 46 5.96 9.16 -4.94
N ASN A 47 6.87 10.02 -5.44
CA ASN A 47 7.79 9.62 -6.53
C ASN A 47 8.74 8.46 -6.20
N ALA A 48 8.87 8.12 -4.92
CA ALA A 48 9.63 6.92 -4.54
C ALA A 48 8.88 5.62 -4.83
N LEU A 49 7.61 5.67 -5.18
CA LEU A 49 6.91 4.49 -5.67
C LEU A 49 7.55 3.81 -6.87
N ALA A 50 8.18 4.56 -7.75
CA ALA A 50 8.83 3.94 -8.89
C ALA A 50 9.86 2.97 -8.36
N GLN A 51 10.74 3.47 -7.49
CA GLN A 51 11.75 2.65 -6.80
C GLN A 51 11.17 1.40 -6.13
N GLU A 52 10.02 1.53 -5.47
CA GLU A 52 9.37 0.40 -4.81
C GLU A 52 8.79 -0.61 -5.80
N ILE A 53 8.17 -0.12 -6.87
CA ILE A 53 7.72 -0.99 -7.96
C ILE A 53 8.92 -1.77 -8.52
N PHE A 54 10.09 -1.16 -8.56
CA PHE A 54 11.28 -1.89 -9.02
C PHE A 54 11.69 -2.96 -8.03
N THR A 55 11.65 -2.63 -6.74
CA THR A 55 12.01 -3.59 -5.71
C THR A 55 11.03 -4.76 -5.70
N TYR A 56 9.75 -4.51 -6.02
CA TYR A 56 8.76 -5.58 -6.12
C TYR A 56 9.17 -6.68 -7.10
N TYR A 57 9.71 -6.30 -8.25
CA TYR A 57 10.12 -7.27 -9.26
C TYR A 57 11.43 -7.97 -8.92
N ASP A 58 12.20 -7.40 -8.00
CA ASP A 58 13.35 -8.08 -7.41
C ASP A 58 12.95 -9.05 -6.29
N VAL A 59 12.02 -8.66 -5.43
CA VAL A 59 11.61 -9.46 -4.28
C VAL A 59 10.75 -10.66 -4.71
N VAL A 60 9.67 -10.39 -5.43
CA VAL A 60 8.69 -11.41 -5.81
C VAL A 60 9.16 -12.14 -7.07
N LYS A 61 9.45 -13.43 -6.94
CA LYS A 61 9.95 -14.23 -8.07
C LYS A 61 8.92 -14.38 -9.19
N SER A 62 7.69 -14.74 -8.83
CA SER A 62 6.60 -14.99 -9.79
C SER A 62 5.44 -14.02 -9.57
N PRO A 63 5.53 -12.81 -10.13
CA PRO A 63 4.41 -11.86 -9.95
C PRO A 63 3.14 -12.34 -10.65
N MET A 64 2.00 -11.82 -10.18
CA MET A 64 0.71 -12.32 -10.59
C MET A 64 -0.39 -11.32 -10.26
N SER A 65 -1.43 -11.31 -11.09
CA SER A 65 -2.60 -10.47 -10.87
C SER A 65 -3.85 -11.19 -11.38
N LEU A 66 -5.00 -10.64 -11.03
CA LEU A 66 -6.26 -11.16 -11.50
C LEU A 66 -6.39 -10.97 -13.00
N ARG A 67 -5.91 -9.84 -13.51
CA ARG A 67 -5.93 -9.58 -14.95
C ARG A 67 -5.17 -10.64 -15.71
N HIS A 68 -3.98 -10.98 -15.23
CA HIS A 68 -3.12 -11.96 -15.88
C HIS A 68 -3.78 -13.33 -15.93
N ILE A 69 -4.48 -13.71 -14.85
CA ILE A 69 -5.20 -14.99 -14.81
C ILE A 69 -6.40 -14.99 -15.76
N LEU A 70 -7.16 -13.90 -15.78
CA LEU A 70 -8.33 -13.79 -16.66
C LEU A 70 -7.95 -13.83 -18.13
N ASP A 71 -6.95 -13.06 -18.51
CA ASP A 71 -6.45 -13.06 -19.89
C ASP A 71 -5.90 -14.42 -20.30
N ASN A 72 -5.25 -15.14 -19.38
CA ASN A 72 -4.70 -16.46 -19.67
C ASN A 72 -5.76 -17.54 -19.85
N ILE A 73 -6.85 -17.43 -19.09
CA ILE A 73 -7.99 -18.34 -19.27
C ILE A 73 -8.59 -18.18 -20.67
N VAL A 74 -8.81 -16.94 -21.07
CA VAL A 74 -9.37 -16.61 -22.38
C VAL A 74 -8.50 -17.13 -23.53
N LYS A 75 -7.17 -16.91 -23.41
CA LYS A 75 -6.21 -17.40 -24.41
C LYS A 75 -6.16 -18.94 -24.52
N GLY A 76 -6.52 -19.64 -23.45
CA GLY A 76 -6.72 -21.09 -23.49
C GLY A 76 -5.49 -21.96 -23.61
N ASP A 77 -4.32 -21.35 -23.37
CA ASP A 77 -3.03 -22.00 -23.61
C ASP A 77 -2.21 -22.21 -22.33
N THR A 78 -2.85 -22.00 -21.17
CA THR A 78 -2.16 -22.02 -19.88
C THR A 78 -2.76 -23.06 -18.94
N TYR A 79 -4.07 -22.92 -18.68
CA TYR A 79 -4.74 -23.69 -17.64
C TYR A 79 -5.58 -24.85 -18.18
N SER A 80 -5.17 -26.07 -17.84
CA SER A 80 -5.96 -27.27 -18.11
C SER A 80 -6.94 -27.62 -16.98
N THR A 81 -6.62 -27.30 -15.72
CA THR A 81 -7.52 -27.60 -14.57
C THR A 81 -7.83 -26.37 -13.71
N ALA A 82 -8.87 -26.50 -12.88
CA ALA A 82 -9.24 -25.47 -11.91
C ALA A 82 -8.19 -25.33 -10.83
N LEU A 83 -7.56 -26.43 -10.45
CA LEU A 83 -6.45 -26.40 -9.48
C LEU A 83 -5.25 -25.60 -9.95
N GLN A 84 -4.97 -25.66 -11.26
CA GLN A 84 -3.93 -24.84 -11.85
C GLN A 84 -4.25 -23.37 -11.72
N VAL A 85 -5.50 -23.02 -11.99
CA VAL A 85 -5.97 -21.64 -11.87
C VAL A 85 -5.81 -21.16 -10.43
N MET A 86 -6.23 -21.99 -9.48
CA MET A 86 -6.17 -21.62 -8.08
C MET A 86 -4.75 -21.48 -7.53
N GLU A 87 -3.80 -22.25 -8.06
CA GLU A 87 -2.40 -22.08 -7.69
C GLU A 87 -1.88 -20.68 -8.03
N ASP A 88 -2.33 -20.13 -9.16
CA ASP A 88 -2.02 -18.74 -9.52
C ASP A 88 -2.76 -17.73 -8.63
N VAL A 89 -4.00 -18.04 -8.27
CA VAL A 89 -4.74 -17.15 -7.35
C VAL A 89 -4.11 -17.14 -5.96
N GLU A 90 -3.67 -18.32 -5.48
CA GLU A 90 -2.97 -18.40 -4.20
C GLU A 90 -1.68 -17.60 -4.26
N LEU A 91 -0.97 -17.74 -5.37
CA LEU A 91 0.25 -17.00 -5.61
C LEU A 91 0.09 -15.50 -5.43
N ILE A 92 -1.06 -14.94 -5.80
CA ILE A 92 -1.31 -13.51 -5.60
C ILE A 92 -1.23 -13.18 -4.12
N TRP A 93 -1.82 -14.04 -3.29
CA TRP A 93 -1.85 -13.85 -1.85
C TRP A 93 -0.47 -14.06 -1.23
N LYS A 94 0.23 -15.12 -1.65
CA LYS A 94 1.59 -15.42 -1.15
C LYS A 94 2.55 -14.27 -1.49
N ASN A 95 2.45 -13.72 -2.70
CA ASN A 95 3.24 -12.56 -3.11
C ASN A 95 2.98 -11.32 -2.27
N CYS A 96 1.71 -11.12 -1.93
CA CYS A 96 1.27 -9.99 -1.14
C CYS A 96 1.84 -10.06 0.28
N ILE A 97 1.74 -11.22 0.92
CA ILE A 97 2.34 -11.40 2.23
C ILE A 97 3.85 -11.19 2.13
N THR A 98 4.47 -11.86 1.17
CA THR A 98 5.91 -11.81 0.96
C THR A 98 6.41 -10.37 0.94
N PHE A 99 5.76 -9.52 0.15
CA PHE A 99 6.21 -8.14 -0.08
C PHE A 99 5.76 -7.15 0.98
N ASN A 100 4.52 -7.32 1.47
CA ASN A 100 3.91 -6.37 2.39
C ASN A 100 3.96 -6.79 3.87
N GLY A 101 4.26 -8.06 4.16
CA GLY A 101 4.25 -8.56 5.53
C GLY A 101 2.85 -8.96 5.98
N ALA A 102 2.77 -9.85 6.96
CA ALA A 102 1.50 -10.38 7.45
C ALA A 102 0.63 -9.34 8.18
N ASN A 103 1.27 -8.40 8.88
CA ASN A 103 0.53 -7.34 9.61
C ASN A 103 -0.06 -6.24 8.74
N SER A 104 0.37 -6.15 7.48
CA SER A 104 -0.07 -5.08 6.61
C SER A 104 -1.56 -5.11 6.31
N LEU A 105 -2.11 -3.94 6.03
CA LEU A 105 -3.50 -3.79 5.59
C LEU A 105 -3.75 -4.59 4.31
N LEU A 106 -2.75 -4.64 3.44
CA LEU A 106 -2.83 -5.42 2.22
C LEU A 106 -2.91 -6.92 2.45
N ALA A 107 -2.24 -7.43 3.48
CA ALA A 107 -2.41 -8.84 3.87
C ALA A 107 -3.85 -9.15 4.28
N THR A 108 -4.47 -8.21 5.00
CA THR A 108 -5.88 -8.32 5.39
C THR A 108 -6.79 -8.33 4.17
N GLU A 109 -6.47 -7.48 3.20
CA GLU A 109 -7.23 -7.41 1.96
C GLU A 109 -7.12 -8.68 1.14
N ALA A 110 -5.92 -9.25 1.09
CA ALA A 110 -5.68 -10.52 0.43
C ALA A 110 -6.51 -11.63 1.06
N GLY A 111 -6.60 -11.63 2.40
CA GLY A 111 -7.40 -12.59 3.13
C GLY A 111 -8.89 -12.45 2.84
N LYS A 112 -9.37 -11.21 2.81
CA LYS A 112 -10.77 -10.93 2.43
C LYS A 112 -11.10 -11.44 1.04
N CYS A 113 -10.19 -11.22 0.10
CA CYS A 113 -10.35 -11.69 -1.28
C CYS A 113 -10.42 -13.20 -1.36
N ARG A 114 -9.55 -13.88 -0.63
CA ARG A 114 -9.55 -15.34 -0.60
C ARG A 114 -10.95 -15.85 -0.26
N SER A 115 -11.48 -15.36 0.86
CA SER A 115 -12.77 -15.83 1.37
C SER A 115 -13.93 -15.30 0.52
N ALA A 116 -13.80 -14.10 -0.05
CA ALA A 116 -14.82 -13.58 -0.99
C ALA A 116 -14.96 -14.47 -2.23
N LEU A 117 -13.84 -15.05 -2.68
CA LEU A 117 -13.86 -16.00 -3.78
C LEU A 117 -14.55 -17.29 -3.37
N ASP A 118 -14.18 -17.83 -2.21
CA ASP A 118 -14.84 -19.01 -1.64
C ASP A 118 -16.36 -18.81 -1.57
N ARG A 119 -16.81 -17.66 -1.07
CA ARG A 119 -18.23 -17.29 -1.02
C ARG A 119 -18.91 -17.33 -2.39
N ILE A 120 -18.26 -16.69 -3.36
CA ILE A 120 -18.82 -16.55 -4.71
C ILE A 120 -18.86 -17.92 -5.41
N ARG A 121 -17.78 -18.68 -5.29
CA ARG A 121 -17.71 -20.05 -5.83
C ARG A 121 -18.78 -20.97 -5.26
N ARG A 122 -18.97 -20.93 -3.94
CA ARG A 122 -20.01 -21.72 -3.27
C ARG A 122 -21.42 -21.25 -3.64
N ALA A 123 -21.59 -19.94 -3.77
CA ALA A 123 -22.86 -19.36 -4.24
C ALA A 123 -23.17 -19.67 -5.71
N TYR A 124 -22.13 -19.84 -6.53
CA TYR A 124 -22.30 -20.23 -7.94
C TYR A 124 -22.98 -21.60 -8.07
N GLN A 125 -22.83 -22.45 -7.05
CA GLN A 125 -23.60 -23.72 -6.96
C GLN A 125 -25.08 -23.45 -6.66
N LYS B 9 -9.24 -2.24 -18.57
CA LYS B 9 -9.83 -3.37 -17.76
C LYS B 9 -10.24 -4.56 -18.63
N HIS B 10 -10.17 -5.77 -18.07
CA HIS B 10 -10.48 -7.02 -18.78
C HIS B 10 -11.93 -7.08 -19.29
N ALA B 11 -12.10 -7.30 -20.59
CA ALA B 11 -13.43 -7.48 -21.19
C ALA B 11 -13.97 -8.88 -20.88
N HIS B 12 -15.12 -8.92 -20.21
CA HIS B 12 -15.71 -10.18 -19.76
C HIS B 12 -16.32 -10.96 -20.91
N ARG B 13 -16.09 -12.27 -20.93
CA ARG B 13 -16.68 -13.16 -21.92
C ARG B 13 -17.84 -13.95 -21.31
N GLN B 14 -19.08 -13.50 -21.58
CA GLN B 14 -20.32 -14.17 -21.13
C GLN B 14 -20.29 -15.69 -21.27
N SER B 15 -19.78 -16.17 -22.40
CA SER B 15 -19.62 -17.61 -22.67
C SER B 15 -18.17 -17.90 -23.11
N LEU B 16 -17.64 -19.02 -22.64
CA LEU B 16 -16.29 -19.49 -23.01
C LEU B 16 -16.37 -20.98 -23.32
N GLU B 17 -15.56 -21.43 -24.28
CA GLU B 17 -15.55 -22.84 -24.72
C GLU B 17 -14.34 -23.60 -24.18
N THR B 18 -13.97 -23.31 -22.93
CA THR B 18 -12.97 -24.09 -22.20
C THR B 18 -13.72 -25.11 -21.34
N ILE B 19 -12.99 -25.82 -20.47
CA ILE B 19 -13.55 -26.81 -19.55
C ILE B 19 -14.56 -26.12 -18.59
N PRO B 20 -15.68 -26.79 -18.24
CA PRO B 20 -16.69 -26.18 -17.34
C PRO B 20 -16.18 -25.72 -15.98
N GLU B 21 -15.31 -26.51 -15.35
CA GLU B 21 -14.74 -26.14 -14.05
C GLU B 21 -13.82 -24.91 -14.12
N VAL B 22 -13.14 -24.75 -15.24
CA VAL B 22 -12.30 -23.58 -15.51
C VAL B 22 -13.17 -22.39 -15.88
N ALA B 23 -14.17 -22.64 -16.72
CA ALA B 23 -15.09 -21.58 -17.14
C ALA B 23 -15.89 -21.01 -15.96
N GLU B 24 -16.39 -21.89 -15.09
CA GLU B 24 -17.12 -21.46 -13.89
C GLU B 24 -16.24 -20.53 -13.06
N LEU B 25 -15.02 -21.01 -12.80
CA LEU B 25 -14.03 -20.30 -12.01
C LEU B 25 -13.67 -18.94 -12.63
N TYR B 26 -13.52 -18.90 -13.95
CA TYR B 26 -13.36 -17.65 -14.66
C TYR B 26 -14.46 -16.63 -14.33
N HIS B 27 -15.71 -17.06 -14.41
CA HIS B 27 -16.84 -16.17 -14.12
C HIS B 27 -16.78 -15.67 -12.69
N CYS B 28 -16.38 -16.55 -11.77
CA CYS B 28 -16.23 -16.21 -10.36
C CYS B 28 -15.09 -15.24 -10.14
N ILE B 29 -13.94 -15.49 -10.76
CA ILE B 29 -12.80 -14.58 -10.67
C ILE B 29 -13.15 -13.22 -11.28
N TYR B 30 -13.91 -13.20 -12.36
CA TYR B 30 -14.29 -11.92 -12.94
C TYR B 30 -15.13 -11.09 -11.97
N LYS B 31 -16.09 -11.71 -11.31
CA LYS B 31 -16.92 -11.01 -10.31
C LYS B 31 -16.07 -10.41 -9.20
N LEU B 32 -15.11 -11.19 -8.69
CA LEU B 32 -14.15 -10.71 -7.69
C LEU B 32 -13.39 -9.48 -8.18
N TYR B 33 -12.82 -9.60 -9.37
CA TYR B 33 -12.10 -8.54 -10.06
C TYR B 33 -12.96 -7.29 -10.29
N ASN B 34 -14.22 -7.50 -10.62
CA ASN B 34 -15.11 -6.41 -11.02
C ASN B 34 -15.91 -5.78 -9.86
N GLU B 35 -16.37 -6.61 -8.92
CA GLU B 35 -17.31 -6.17 -7.87
C GLU B 35 -16.74 -6.07 -6.44
N GLU B 36 -15.78 -6.91 -6.09
CA GLU B 36 -15.26 -6.95 -4.72
C GLU B 36 -14.29 -5.81 -4.41
N GLU B 37 -14.62 -4.98 -3.42
CA GLU B 37 -13.77 -3.83 -3.03
C GLU B 37 -12.34 -4.20 -2.68
N SER B 38 -12.18 -5.31 -1.98
CA SER B 38 -10.86 -5.79 -1.60
C SER B 38 -9.96 -6.27 -2.73
N SER B 39 -10.51 -6.54 -3.92
CA SER B 39 -9.69 -6.95 -5.08
C SER B 39 -8.90 -5.82 -5.72
N VAL B 40 -9.22 -4.57 -5.40
CA VAL B 40 -8.59 -3.41 -6.06
C VAL B 40 -7.07 -3.50 -6.15
N TRP B 41 -6.43 -4.05 -5.13
CA TRP B 41 -4.98 -4.11 -5.04
C TRP B 41 -4.37 -5.13 -5.97
N PHE B 42 -5.19 -6.07 -6.45
CA PHE B 42 -4.72 -7.27 -7.12
C PHE B 42 -5.27 -7.42 -8.52
N ARG B 43 -5.97 -6.41 -9.01
CA ARG B 43 -6.64 -6.47 -10.30
C ARG B 43 -5.64 -6.46 -11.44
N GLU B 44 -4.77 -5.45 -11.46
CA GLU B 44 -3.86 -5.23 -12.58
C GLU B 44 -2.42 -5.53 -12.17
N PRO B 45 -1.55 -5.75 -13.16
CA PRO B 45 -0.14 -5.97 -12.83
C PRO B 45 0.46 -4.76 -12.13
N VAL B 46 1.43 -5.00 -11.24
CA VAL B 46 1.99 -3.93 -10.41
C VAL B 46 2.63 -2.81 -11.24
N ASN B 47 3.30 -3.15 -12.34
CA ASN B 47 3.84 -2.14 -13.26
C ASN B 47 2.82 -1.18 -13.91
N ALA B 48 1.53 -1.51 -13.87
CA ALA B 48 0.47 -0.60 -14.32
C ALA B 48 0.17 0.53 -13.32
N LEU B 49 0.64 0.38 -12.09
CA LEU B 49 0.31 1.29 -11.00
C LEU B 49 1.23 2.54 -10.99
N ALA B 50 2.27 2.54 -11.83
CA ALA B 50 3.19 3.68 -11.94
C ALA B 50 2.50 4.95 -12.51
N GLN B 51 1.51 4.73 -13.37
CA GLN B 51 0.63 5.78 -13.87
C GLN B 51 0.07 6.76 -12.82
N GLU B 52 -0.34 6.23 -11.69
CA GLU B 52 -0.93 7.05 -10.63
C GLU B 52 0.02 8.10 -10.03
N ILE B 53 1.31 7.81 -10.04
CA ILE B 53 2.31 8.71 -9.47
C ILE B 53 2.28 10.11 -10.09
N PHE B 54 2.09 10.14 -11.40
CA PHE B 54 2.12 11.40 -12.15
C PHE B 54 0.85 12.22 -11.88
N THR B 55 -0.29 11.53 -11.78
CA THR B 55 -1.58 12.16 -11.48
C THR B 55 -1.56 12.81 -10.08
N TYR B 56 -0.89 12.15 -9.13
CA TYR B 56 -0.79 12.67 -7.77
C TYR B 56 -0.16 14.06 -7.72
N TYR B 57 0.88 14.28 -8.51
CA TYR B 57 1.57 15.58 -8.51
C TYR B 57 0.81 16.66 -9.29
N ASP B 58 -0.14 16.25 -10.14
CA ASP B 58 -1.11 17.16 -10.76
C ASP B 58 -2.24 17.54 -9.79
N VAL B 59 -2.73 16.57 -9.03
CA VAL B 59 -3.84 16.81 -8.10
C VAL B 59 -3.42 17.57 -6.83
N VAL B 60 -2.45 17.04 -6.09
CA VAL B 60 -2.06 17.57 -4.78
C VAL B 60 -1.11 18.74 -4.92
N LYS B 61 -1.55 19.92 -4.47
CA LYS B 61 -0.74 21.14 -4.54
C LYS B 61 0.55 21.07 -3.70
N SER B 62 0.42 20.71 -2.42
CA SER B 62 1.56 20.68 -1.48
C SER B 62 1.79 19.26 -0.98
N PRO B 63 2.54 18.44 -1.75
CA PRO B 63 2.78 17.07 -1.27
C PRO B 63 3.65 17.06 -0.02
N MET B 64 3.54 15.97 0.72
CA MET B 64 4.13 15.85 2.02
C MET B 64 4.21 14.40 2.44
N SER B 65 5.26 14.08 3.19
CA SER B 65 5.46 12.73 3.69
C SER B 65 6.13 12.82 5.05
N LEU B 66 6.14 11.68 5.72
CA LEU B 66 6.82 11.57 6.99
C LEU B 66 8.32 11.74 6.80
N ARG B 67 8.87 11.20 5.71
CA ARG B 67 10.29 11.36 5.42
C ARG B 67 10.68 12.82 5.34
N HIS B 68 9.89 13.59 4.62
CA HIS B 68 10.17 15.02 4.40
C HIS B 68 10.17 15.79 5.73
N ILE B 69 9.25 15.45 6.62
CA ILE B 69 9.17 16.08 7.95
C ILE B 69 10.36 15.68 8.83
N LEU B 70 10.72 14.40 8.81
CA LEU B 70 11.84 13.90 9.60
C LEU B 70 13.18 14.50 9.18
N ASP B 71 13.42 14.52 7.87
CA ASP B 71 14.63 15.14 7.34
C ASP B 71 14.71 16.63 7.64
N ASN B 72 13.57 17.31 7.61
CA ASN B 72 13.52 18.76 7.90
C ASN B 72 13.75 19.11 9.36
N ILE B 73 13.28 18.26 10.27
CA ILE B 73 13.57 18.42 11.70
C ILE B 73 15.08 18.31 11.96
N VAL B 74 15.70 17.28 11.38
CA VAL B 74 17.13 17.04 11.54
C VAL B 74 17.94 18.21 11.03
N LYS B 75 17.59 18.73 9.85
CA LYS B 75 18.25 19.88 9.27
C LYS B 75 18.13 21.17 10.10
N GLY B 76 17.06 21.28 10.88
CA GLY B 76 16.92 22.35 11.88
C GLY B 76 16.65 23.75 11.33
N ASP B 77 16.29 23.85 10.05
CA ASP B 77 16.14 25.14 9.36
C ASP B 77 14.69 25.37 8.89
N THR B 78 13.75 24.58 9.41
CA THR B 78 12.35 24.65 8.98
C THR B 78 11.41 24.93 10.15
N TYR B 79 11.46 24.07 11.16
CA TYR B 79 10.47 24.08 12.23
C TYR B 79 10.99 24.72 13.52
N SER B 80 10.38 25.85 13.90
CA SER B 80 10.62 26.47 15.20
C SER B 80 9.71 25.94 16.33
N THR B 81 8.48 25.53 16.01
CA THR B 81 7.54 25.01 17.02
C THR B 81 6.97 23.64 16.66
N ALA B 82 6.40 22.98 17.67
CA ALA B 82 5.72 21.70 17.50
C ALA B 82 4.45 21.85 16.67
N LEU B 83 3.77 22.98 16.82
CA LEU B 83 2.59 23.29 15.99
C LEU B 83 2.90 23.41 14.50
N GLN B 84 4.08 23.93 14.18
CA GLN B 84 4.54 23.97 12.80
C GLN B 84 4.70 22.57 12.23
N VAL B 85 5.32 21.69 13.02
CA VAL B 85 5.51 20.31 12.62
C VAL B 85 4.17 19.64 12.37
N MET B 86 3.24 19.84 13.27
CA MET B 86 1.93 19.22 13.18
C MET B 86 1.08 19.73 12.00
N GLU B 87 1.26 20.99 11.60
CA GLU B 87 0.61 21.50 10.37
C GLU B 87 1.04 20.73 9.11
N ASP B 88 2.31 20.34 9.04
CA ASP B 88 2.78 19.47 7.95
C ASP B 88 2.26 18.03 8.09
N VAL B 89 2.15 17.53 9.32
CA VAL B 89 1.57 16.21 9.54
C VAL B 89 0.09 16.18 9.16
N GLU B 90 -0.65 17.23 9.53
CA GLU B 90 -2.06 17.37 9.14
C GLU B 90 -2.19 17.40 7.62
N LEU B 91 -1.32 18.17 6.97
CA LEU B 91 -1.25 18.21 5.51
C LEU B 91 -1.17 16.83 4.84
N ILE B 92 -0.45 15.90 5.45
CA ILE B 92 -0.38 14.55 4.90
C ILE B 92 -1.78 13.95 4.83
N TRP B 93 -2.57 14.15 5.89
CA TRP B 93 -3.93 13.61 5.97
C TRP B 93 -4.87 14.35 5.00
N LYS B 94 -4.77 15.67 4.94
CA LYS B 94 -5.57 16.47 4.00
C LYS B 94 -5.30 16.07 2.52
N ASN B 95 -4.04 15.85 2.18
CA ASN B 95 -3.67 15.36 0.84
C ASN B 95 -4.26 13.98 0.51
N CYS B 96 -4.29 13.12 1.52
CA CYS B 96 -4.81 11.77 1.39
C CYS B 96 -6.31 11.79 1.12
N ILE B 97 -7.06 12.58 1.89
CA ILE B 97 -8.50 12.75 1.62
C ILE B 97 -8.71 13.35 0.23
N THR B 98 -7.98 14.40 -0.09
CA THR B 98 -8.05 15.05 -1.39
C THR B 98 -7.93 14.07 -2.56
N PHE B 99 -6.91 13.21 -2.51
CA PHE B 99 -6.57 12.30 -3.61
C PHE B 99 -7.41 11.02 -3.62
N ASN B 100 -7.73 10.50 -2.43
CA ASN B 100 -8.49 9.25 -2.30
C ASN B 100 -9.99 9.36 -1.94
N GLY B 101 -10.44 10.53 -1.49
CA GLY B 101 -11.82 10.70 -0.98
C GLY B 101 -11.97 10.27 0.48
N ALA B 102 -12.95 10.83 1.17
CA ALA B 102 -13.17 10.57 2.61
C ALA B 102 -13.62 9.13 2.93
N ASN B 103 -14.39 8.52 2.03
CA ASN B 103 -14.84 7.14 2.25
C ASN B 103 -13.81 6.04 1.99
N SER B 104 -12.70 6.40 1.35
CA SER B 104 -11.69 5.41 0.98
C SER B 104 -11.06 4.72 2.18
N LEU B 105 -10.60 3.50 1.96
CA LEU B 105 -9.81 2.76 2.93
C LEU B 105 -8.56 3.54 3.37
N LEU B 106 -7.97 4.25 2.43
CA LEU B 106 -6.81 5.08 2.72
C LEU B 106 -7.11 6.27 3.63
N ALA B 107 -8.30 6.84 3.52
CA ALA B 107 -8.73 7.87 4.48
C ALA B 107 -8.81 7.30 5.91
N THR B 108 -9.29 6.07 6.04
CA THR B 108 -9.32 5.35 7.31
C THR B 108 -7.92 5.12 7.85
N GLU B 109 -6.99 4.78 6.96
CA GLU B 109 -5.59 4.58 7.34
C GLU B 109 -4.93 5.86 7.82
N ALA B 110 -5.24 6.97 7.15
CA ALA B 110 -4.77 8.29 7.57
C ALA B 110 -5.28 8.63 8.98
N GLY B 111 -6.54 8.27 9.24
CA GLY B 111 -7.13 8.47 10.55
C GLY B 111 -6.45 7.65 11.62
N LYS B 112 -6.17 6.38 11.31
CA LYS B 112 -5.42 5.50 12.22
C LYS B 112 -4.03 6.05 12.54
N CYS B 113 -3.35 6.58 11.53
CA CYS B 113 -2.06 7.22 11.74
C CYS B 113 -2.12 8.43 12.66
N ARG B 114 -3.13 9.28 12.45
CA ARG B 114 -3.32 10.46 13.31
C ARG B 114 -3.33 10.01 14.77
N SER B 115 -4.17 9.04 15.06
CA SER B 115 -4.32 8.54 16.42
C SER B 115 -3.14 7.71 16.91
N ALA B 116 -2.49 6.96 16.01
CA ALA B 116 -1.29 6.21 16.37
C ALA B 116 -0.18 7.17 16.83
N LEU B 117 -0.15 8.35 16.24
CA LEU B 117 0.77 9.40 16.67
C LEU B 117 0.38 9.92 18.05
N ASP B 118 -0.91 10.23 18.26
CA ASP B 118 -1.44 10.62 19.58
C ASP B 118 -1.04 9.60 20.65
N ARG B 119 -1.24 8.31 20.38
CA ARG B 119 -0.82 7.21 21.27
C ARG B 119 0.66 7.25 21.62
N ILE B 120 1.50 7.37 20.59
CA ILE B 120 2.95 7.35 20.77
C ILE B 120 3.43 8.58 21.53
N ARG B 121 2.90 9.74 21.16
CA ARG B 121 3.20 11.01 21.85
C ARG B 121 2.83 10.97 23.33
N ARG B 122 1.64 10.47 23.64
CA ARG B 122 1.18 10.32 25.02
C ARG B 122 1.98 9.27 25.79
N ALA B 123 2.36 8.19 25.12
CA ALA B 123 3.22 7.15 25.70
C ALA B 123 4.66 7.65 25.93
N TYR B 124 5.10 8.59 25.10
CA TYR B 124 6.39 9.25 25.29
C TYR B 124 6.39 10.15 26.53
N GLN B 125 5.34 10.94 26.71
CA GLN B 125 5.26 11.90 27.82
C GLN B 125 4.88 11.23 29.14
N ASP B 126 3.95 10.27 29.11
CA ASP B 126 3.59 9.51 30.31
C ASP B 126 4.74 8.60 30.78
N ASP B 127 5.53 8.10 29.84
CA ASP B 127 6.76 7.38 30.15
C ASP B 127 7.73 8.26 30.96
N GLN B 128 7.87 9.53 30.58
CA GLN B 128 8.76 10.46 31.29
C GLN B 128 8.32 10.77 32.74
N ARG B 129 7.04 11.10 32.91
CA ARG B 129 6.50 11.41 34.24
C ARG B 129 6.43 10.15 35.11
BR BR C . 0.81 -9.84 -13.41
C10 BMF D . 1.27 4.17 -1.77
N12 BMF D . 0.37 6.33 -1.45
C15 BMF D . -2.17 5.59 -2.55
C17 BMF D . -4.00 4.12 -3.47
C20 BMF D . -7.55 3.82 -3.45
C22 BMF D . -1.10 4.74 -2.50
C26 BMF D . 0.38 9.18 -0.45
C28 BMF D . 2.29 2.04 -2.21
C01 BMF D . 4.47 1.31 -1.16
C02 BMF D . 3.37 2.32 -1.37
C03 BMF D . 3.37 3.58 -0.74
N04 BMF D . 4.43 3.94 0.15
S05 BMF D . 5.58 5.07 -0.11
C06 BMF D . 6.76 4.33 -1.17
O07 BMF D . 4.97 6.15 -0.81
O08 BMF D . 6.18 5.32 1.15
C09 BMF D . 2.34 4.49 -0.94
C11 BMF D . 0.16 5.12 -1.94
N13 BMF D . -0.72 7.17 -1.50
C14 BMF D . -1.99 6.88 -1.99
N16 BMF D . -3.47 5.32 -3.09
O18 BMF D . -5.26 4.31 -3.93
C19 BMF D . -6.23 3.22 -3.75
O21 BMF D . -3.44 3.04 -3.43
N23 BMF D . -2.76 7.95 -1.82
N24 BMF D . -2.00 8.94 -1.21
C25 BMF D . -0.78 8.46 -1.03
C27 BMF D . 1.27 2.93 -2.41
C10 BMF E . 0.64 0.53 -5.43
N12 BMF E . -1.63 0.52 -6.06
C15 BMF E . -1.73 3.40 -6.10
C17 BMF E . -0.88 5.70 -6.23
C20 BMF E . 0.32 8.41 -5.62
C22 BMF E . -0.61 2.68 -5.78
C26 BMF E . -4.34 -0.69 -6.68
C28 BMF E . 3.01 0.18 -5.67
C01 BMF E . 4.25 -1.69 -4.50
C02 BMF E . 2.98 -0.93 -4.83
C03 BMF E . 1.73 -1.30 -4.28
N04 BMF E . 1.62 -2.44 -3.45
S05 BMF E . 1.15 -3.89 -4.01
C06 BMF E . -0.56 -3.76 -4.36
O07 BMF E . 1.85 -4.11 -5.24
O08 BMF E . 1.32 -4.82 -2.93
C09 BMF E . 0.59 -0.57 -4.57
C11 BMF E . -0.58 1.27 -5.77
N13 BMF E . -2.77 1.26 -6.38
C14 BMF E . -2.90 2.64 -6.44
N16 BMF E . -1.89 4.79 -6.06
O18 BMF E . -1.37 6.95 -6.11
C19 BMF E . -0.77 7.75 -5.05
O21 BMF E . 0.29 5.44 -6.44
N23 BMF E . -4.14 2.94 -6.77
N24 BMF E . -4.85 1.74 -6.90
C25 BMF E . -4.01 0.76 -6.68
C27 BMF E . 1.88 0.89 -5.97
BR BR F . 6.89 14.63 0.13
#